data_3LNQ
#
_entry.id   3LNQ
#
_cell.length_a   42.350
_cell.length_b   42.350
_cell.length_c   162.730
_cell.angle_alpha   90.00
_cell.angle_beta   90.00
_cell.angle_gamma   90.00
#
_symmetry.space_group_name_H-M   'P 43 21 2'
#
loop_
_entity.id
_entity.type
_entity.pdbx_description
1 polymer 'Homeobox protein aristaless'
2 polymer "5'-D(*GP*GP*GP*TP*TP*TP*AP*AP*TP*TP*AP*GP*GP*G)-3'"
3 polymer "5'-D(*CP*CP*CP*TP*AP*AP*TP*TP*AP*AP*AP*CP*CP*C)-3'"
4 non-polymer 'ACETATE ION'
5 water water
#
loop_
_entity_poly.entity_id
_entity_poly.type
_entity_poly.pdbx_seq_one_letter_code
_entity_poly.pdbx_strand_id
1 'polypeptide(L)' RYRTTFTSFQLEELEKAFSRTHYPDVFTREELAMKIGLTEARIQVWFQNRRAKWRKQE A
2 'polydeoxyribonucleotide' (DG)(DG)(DG)(DT)(DT)(DT)(DA)(DA)(DT)(DT)(DA)(DG)(DG)(DG) B
3 'polydeoxyribonucleotide' (DC)(DC)(DC)(DT)(DA)(DA)(DT)(DT)(DA)(DA)(DA)(DC)(DC)(DC) C
#
# COMPACT_ATOMS: atom_id res chain seq x y z
N ARG A 1 -10.33 8.03 17.01
CA ARG A 1 -10.02 7.41 15.69
C ARG A 1 -8.57 6.93 15.65
N TYR A 2 -8.37 5.62 15.55
CA TYR A 2 -7.03 5.06 15.38
C TYR A 2 -6.49 5.48 14.03
N ARG A 3 -5.22 5.86 13.98
CA ARG A 3 -4.56 6.08 12.71
C ARG A 3 -3.22 5.34 12.71
N THR A 4 -2.97 4.56 11.67
CA THR A 4 -1.72 3.82 11.56
C THR A 4 -0.58 4.80 11.27
N THR A 5 0.49 4.66 12.04
CA THR A 5 1.74 5.34 11.77
C THR A 5 2.64 4.32 11.06
N PHE A 6 2.77 4.43 9.74
CA PHE A 6 3.54 3.45 8.98
C PHE A 6 5.04 3.65 9.27
N THR A 7 5.79 2.56 9.41
CA THR A 7 7.25 2.66 9.52
C THR A 7 7.86 2.97 8.15
N SER A 8 9.06 3.52 8.14
CA SER A 8 9.76 3.78 6.88
C SER A 8 9.81 2.51 6.03
N PHE A 9 10.08 1.38 6.69
CA PHE A 9 10.04 0.09 6.01
C PHE A 9 8.70 -0.21 5.32
N GLN A 10 7.60 -0.16 6.06
CA GLN A 10 6.31 -0.38 5.45
C GLN A 10 6.15 0.55 4.25
N LEU A 11 6.48 1.82 4.44
CA LEU A 11 6.34 2.82 3.38
C LEU A 11 7.17 2.56 2.11
N GLU A 12 8.44 2.22 2.27
CA GLU A 12 9.25 1.95 1.07
C GLU A 12 8.75 0.72 0.32
N GLU A 13 8.33 -0.31 1.06
CA GLU A 13 7.76 -1.51 0.45
C GLU A 13 6.41 -1.25 -0.24
N LEU A 14 5.56 -0.42 0.37
CA LEU A 14 4.30 -0.04 -0.28
C LEU A 14 4.60 0.67 -1.62
N GLU A 15 5.56 1.59 -1.61
CA GLU A 15 5.93 2.34 -2.81
C GLU A 15 6.53 1.45 -3.91
N LYS A 16 7.38 0.49 -3.50
CA LYS A 16 7.94 -0.50 -4.43
C LYS A 16 6.85 -1.38 -5.04
N ALA A 17 5.86 -1.74 -4.23
CA ALA A 17 4.72 -2.48 -4.74
C ALA A 17 3.94 -1.66 -5.76
N PHE A 18 3.96 -0.33 -5.61
CA PHE A 18 3.12 0.56 -6.39
C PHE A 18 3.69 0.79 -7.78
N SER A 19 5.03 0.78 -7.87
CA SER A 19 5.75 0.93 -9.14
C SER A 19 5.51 -0.31 -9.96
N ARG A 20 5.59 -1.46 -9.29
CA ARG A 20 5.21 -2.75 -9.87
C ARG A 20 3.81 -2.72 -10.49
N THR A 21 2.79 -2.32 -9.70
CA THR A 21 1.45 -2.12 -10.27
C THR A 21 0.54 -1.24 -9.39
N HIS A 22 -0.30 -0.42 -10.02
CA HIS A 22 -1.20 0.47 -9.26
C HIS A 22 -2.36 -0.29 -8.68
N TYR A 23 -2.65 -1.46 -9.25
CA TYR A 23 -3.79 -2.30 -8.88
C TYR A 23 -3.38 -3.76 -8.64
N PRO A 24 -2.72 -4.00 -7.49
CA PRO A 24 -2.24 -5.35 -7.21
C PRO A 24 -3.40 -6.31 -6.93
N ASP A 25 -3.30 -7.53 -7.46
CA ASP A 25 -4.25 -8.62 -7.17
C ASP A 25 -4.29 -9.01 -5.68
N VAL A 26 -5.23 -9.90 -5.32
CA VAL A 26 -5.44 -10.34 -3.92
C VAL A 26 -4.20 -11.00 -3.31
N PHE A 27 -3.55 -11.81 -4.14
CA PHE A 27 -2.40 -12.62 -3.78
C PHE A 27 -1.17 -11.75 -3.50
N THR A 28 -0.93 -10.79 -4.38
CA THR A 28 0.13 -9.80 -4.25
C THR A 28 -0.07 -9.04 -2.93
N ARG A 29 -1.31 -8.66 -2.67
CA ARG A 29 -1.70 -7.90 -1.49
C ARG A 29 -1.52 -8.69 -0.20
N GLU A 30 -1.97 -9.95 -0.21
CA GLU A 30 -1.78 -10.79 0.96
C GLU A 30 -0.31 -11.17 1.20
N GLU A 31 0.45 -11.36 0.11
CA GLU A 31 1.89 -11.58 0.22
C GLU A 31 2.62 -10.39 0.81
N LEU A 32 2.26 -9.20 0.37
CA LEU A 32 2.80 -7.95 0.93
C LEU A 32 2.41 -7.77 2.39
N ALA A 33 1.15 -8.07 2.72
CA ALA A 33 0.67 -7.98 4.11
C ALA A 33 1.51 -8.84 5.05
N MET A 34 1.77 -10.09 4.65
CA MET A 34 2.62 -11.00 5.43
C MET A 34 4.02 -10.43 5.59
N LYS A 35 4.52 -9.80 4.52
CA LYS A 35 5.88 -9.26 4.50
C LYS A 35 6.03 -8.09 5.46
N ILE A 36 5.10 -7.15 5.37
CA ILE A 36 5.30 -5.86 6.03
C ILE A 36 4.45 -5.63 7.26
N GLY A 37 3.74 -6.65 7.71
CA GLY A 37 3.00 -6.55 8.96
C GLY A 37 1.82 -5.58 9.00
N LEU A 38 1.17 -5.39 7.84
CA LEU A 38 -0.09 -4.64 7.73
C LEU A 38 -1.19 -5.58 7.29
N THR A 39 -2.44 -5.21 7.59
CA THR A 39 -3.59 -5.96 7.10
C THR A 39 -3.72 -5.66 5.62
N GLU A 40 -4.34 -6.58 4.88
CA GLU A 40 -4.68 -6.34 3.46
C GLU A 40 -5.55 -5.11 3.27
N ALA A 41 -6.53 -4.95 4.18
CA ALA A 41 -7.42 -3.80 4.19
C ALA A 41 -6.68 -2.47 4.26
N ARG A 42 -5.68 -2.36 5.14
CA ARG A 42 -4.92 -1.13 5.25
C ARG A 42 -4.04 -0.89 4.03
N ILE A 43 -3.56 -1.97 3.42
CA ILE A 43 -2.79 -1.88 2.17
C ILE A 43 -3.73 -1.37 1.05
N GLN A 44 -4.90 -1.99 0.96
CA GLN A 44 -5.91 -1.58 0.00
C GLN A 44 -6.17 -0.07 0.13
N VAL A 45 -6.35 0.39 1.37
CA VAL A 45 -6.63 1.81 1.65
C VAL A 45 -5.44 2.69 1.27
N TRP A 46 -4.23 2.30 1.68
CA TRP A 46 -3.02 3.01 1.28
C TRP A 46 -2.97 3.14 -0.25
N PHE A 47 -3.39 2.07 -0.93
CA PHE A 47 -3.30 2.02 -2.38
C PHE A 47 -4.35 2.95 -2.98
N GLN A 48 -5.53 2.99 -2.37
CA GLN A 48 -6.56 3.91 -2.78
C GLN A 48 -6.05 5.35 -2.68
N ASN A 49 -5.39 5.68 -1.58
CA ASN A 49 -4.93 7.05 -1.39
C ASN A 49 -3.71 7.32 -2.26
N ARG A 50 -2.92 6.27 -2.52
CA ARG A 50 -1.72 6.48 -3.33
C ARG A 50 -2.14 6.77 -4.75
N ARG A 51 -3.15 6.04 -5.23
CA ARG A 51 -3.60 6.21 -6.60
C ARG A 51 -4.23 7.59 -6.82
N ALA A 52 -5.02 8.08 -5.85
CA ALA A 52 -5.62 9.42 -5.96
C ALA A 52 -4.54 10.51 -5.95
N LYS A 53 -3.50 10.32 -5.14
CA LYS A 53 -2.38 11.26 -5.11
C LYS A 53 -1.66 11.26 -6.47
N TRP A 54 -1.33 10.06 -6.95
CA TRP A 54 -0.66 9.90 -8.24
C TRP A 54 -1.46 10.53 -9.37
N ARG A 55 -2.76 10.24 -9.42
CA ARG A 55 -3.69 10.82 -10.38
C ARG A 55 -3.62 12.36 -10.38
N LYS A 56 -3.69 12.98 -9.20
CA LYS A 56 -3.70 14.44 -9.04
C LYS A 56 -2.44 15.13 -9.56
N GLN A 57 -1.29 14.47 -9.48
CA GLN A 57 -0.07 15.05 -10.07
C GLN A 57 0.04 14.83 -11.59
N GLU A 58 -1.10 14.57 -12.25
CA GLU A 58 -1.27 14.88 -13.67
C GLU A 58 -2.56 15.68 -13.88
#